data_7O9V
#
_entry.id   7O9V
#
_cell.length_a   42.827
_cell.length_b   34.649
_cell.length_c   82.547
_cell.angle_alpha   90.000
_cell.angle_beta   93.480
_cell.angle_gamma   90.000
#
_symmetry.space_group_name_H-M   'P 1 21 1'
#
loop_
_entity.id
_entity.type
_entity.pdbx_description
1 polymer 'General control transcription factor GCN4,hypothetical protein OMM_04225 residues 244-274 from Candidatus Magnetoglobus multicellularis fused to GCN4 adaptors,General control transcription factor GCN4'
2 water water
#
_entity_poly.entity_id   1
_entity_poly.type   'polypeptide(L)'
_entity_poly.pdbx_seq_one_letter_code
;GGGSGMKQIEMKIEEILSKIYHIENEIARIKKLISQKANSQDVYNKTDLYPKTDLYTKTEMDTAMKQIEWKIEEILSKIY
HIENEIARIKKL
;
_entity_poly.pdbx_strand_id   A,B,C
#
# COMPACT_ATOMS: atom_id res chain seq x y z
N MET A 6 2.57 7.47 -59.54
CA MET A 6 1.38 6.64 -59.13
C MET A 6 1.76 5.30 -58.50
N LYS A 7 2.66 4.56 -59.14
CA LYS A 7 3.16 3.26 -58.59
C LYS A 7 3.77 3.41 -57.17
N GLN A 8 4.34 4.58 -56.90
CA GLN A 8 4.95 4.86 -55.62
C GLN A 8 3.99 5.15 -54.51
N ILE A 9 2.97 5.93 -54.84
CA ILE A 9 1.91 6.19 -53.91
C ILE A 9 1.25 4.87 -53.56
N GLU A 10 0.90 4.06 -54.55
CA GLU A 10 0.23 2.79 -54.22
C GLU A 10 1.06 1.88 -53.26
N MET A 11 2.38 1.95 -53.43
CA MET A 11 3.33 1.17 -52.63
C MET A 11 3.46 1.70 -51.23
N LYS A 12 3.44 3.03 -51.12
CA LYS A 12 3.48 3.69 -49.86
C LYS A 12 2.19 3.40 -49.12
N ILE A 13 1.05 3.42 -49.78
CA ILE A 13 -0.19 3.02 -49.10
C ILE A 13 -0.07 1.67 -48.36
N GLU A 14 0.46 0.67 -49.06
CA GLU A 14 0.64 -0.64 -48.52
C GLU A 14 1.58 -0.70 -47.35
N GLU A 15 2.65 0.05 -47.44
CA GLU A 15 3.62 0.23 -46.36
C GLU A 15 3.01 0.88 -45.12
N ILE A 16 2.21 1.91 -45.31
CA ILE A 16 1.46 2.48 -44.24
C ILE A 16 0.50 1.49 -43.59
N LEU A 17 -0.29 0.80 -44.42
CA LEU A 17 -1.17 -0.25 -43.86
C LEU A 17 -0.45 -1.26 -43.01
N SER A 18 0.72 -1.69 -43.43
CA SER A 18 1.51 -2.63 -42.64
C SER A 18 1.91 -2.12 -41.26
N LYS A 19 2.33 -0.85 -41.22
CA LYS A 19 2.65 -0.17 -40.04
C LYS A 19 1.45 -0.06 -39.17
N ILE A 20 0.34 0.27 -39.76
CA ILE A 20 -0.91 0.25 -38.98
C ILE A 20 -1.23 -1.11 -38.39
N TYR A 21 -1.09 -2.18 -39.17
CA TYR A 21 -1.36 -3.49 -38.59
C TYR A 21 -0.48 -3.81 -37.35
N HIS A 22 0.78 -3.49 -37.48
CA HIS A 22 1.73 -3.70 -36.41
C HIS A 22 1.49 -2.85 -35.21
N ILE A 23 1.19 -1.57 -35.40
CA ILE A 23 0.74 -0.73 -34.29
C ILE A 23 -0.49 -1.32 -33.59
N GLU A 24 -1.49 -1.79 -34.33
CA GLU A 24 -2.67 -2.33 -33.67
C GLU A 24 -2.32 -3.56 -32.80
N ASN A 25 -1.36 -4.34 -33.26
CA ASN A 25 -0.90 -5.50 -32.51
C ASN A 25 -0.20 -5.12 -31.21
N GLU A 26 0.64 -4.11 -31.31
CA GLU A 26 1.31 -3.54 -30.13
C GLU A 26 0.30 -2.99 -29.15
N ILE A 27 -0.66 -2.24 -29.65
CA ILE A 27 -1.68 -1.72 -28.75
C ILE A 27 -2.40 -2.82 -27.95
N ALA A 28 -2.80 -3.91 -28.60
CA ALA A 28 -3.44 -5.01 -27.91
C ALA A 28 -2.57 -5.61 -26.81
N ARG A 29 -1.30 -5.84 -27.13
CA ARG A 29 -0.31 -6.29 -26.17
C ARG A 29 -0.12 -5.35 -24.98
N ILE A 30 0.02 -4.07 -25.28
CA ILE A 30 0.12 -3.04 -24.23
C ILE A 30 -1.08 -3.07 -23.31
N LYS A 31 -2.27 -3.12 -23.87
CA LYS A 31 -3.47 -3.20 -23.05
C LYS A 31 -3.52 -4.40 -22.10
N LYS A 32 -2.99 -5.54 -22.56
CA LYS A 32 -2.87 -6.75 -21.74
C LYS A 32 -1.91 -6.55 -20.56
N LEU A 33 -0.80 -5.90 -20.82
CA LEU A 33 0.19 -5.62 -19.79
C LEU A 33 -0.27 -4.56 -18.83
N ILE A 34 -0.89 -3.52 -19.37
CA ILE A 34 -1.46 -2.48 -18.55
C ILE A 34 -2.41 -3.06 -17.51
N SER A 35 -3.19 -4.05 -17.91
CA SER A 35 -4.23 -4.59 -17.04
C SER A 35 -3.61 -5.44 -15.92
N GLN A 36 -2.34 -5.80 -16.05
CA GLN A 36 -1.68 -6.47 -14.96
C GLN A 36 -0.99 -5.53 -14.01
N LYS A 37 -0.98 -4.23 -14.31
CA LYS A 37 -0.37 -3.23 -13.42
C LYS A 37 -1.34 -2.70 -12.39
N ALA A 38 -0.78 -2.23 -11.27
CA ALA A 38 -1.56 -1.73 -10.16
C ALA A 38 -1.94 -0.25 -10.36
N ASN A 39 -3.21 0.08 -10.15
CA ASN A 39 -3.67 1.46 -10.21
C ASN A 39 -3.21 2.16 -8.98
N SER A 40 -2.63 3.35 -9.12
CA SER A 40 -2.12 4.02 -7.95
C SER A 40 -3.22 4.32 -6.96
N GLN A 41 -4.44 4.47 -7.46
CA GLN A 41 -5.66 4.61 -6.63
C GLN A 41 -5.90 3.44 -5.69
N ASP A 42 -5.50 2.24 -6.08
CA ASP A 42 -5.75 1.03 -5.30
C ASP A 42 -4.56 0.63 -4.41
N VAL A 43 -3.59 1.50 -4.22
CA VAL A 43 -2.42 1.19 -3.42
C VAL A 43 -2.02 2.43 -2.67
N TYR A 44 -1.37 2.24 -1.53
CA TYR A 44 -0.77 3.35 -0.82
C TYR A 44 0.64 3.46 -1.29
N ASN A 45 1.15 4.69 -1.35
CA ASN A 45 2.56 4.93 -1.62
C ASN A 45 3.41 4.59 -0.41
N LYS A 46 4.73 4.62 -0.59
CA LYS A 46 5.70 4.50 0.51
C LYS A 46 5.52 5.60 1.58
N THR A 47 5.01 6.75 1.17
CA THR A 47 4.75 7.85 2.10
C THR A 47 3.44 7.69 2.88
N ASP A 48 2.56 6.79 2.46
CA ASP A 48 1.29 6.55 3.16
C ASP A 48 1.37 5.32 4.08
N LEU A 49 2.59 4.82 4.28
CA LEU A 49 2.79 3.57 4.95
C LEU A 49 4.09 3.56 5.73
N TYR A 50 4.08 2.74 6.77
CA TYR A 50 5.25 2.35 7.52
C TYR A 50 5.70 0.97 7.05
N PRO A 51 7.02 0.75 6.99
CA PRO A 51 7.58 -0.56 6.67
C PRO A 51 7.49 -1.55 7.83
N LYS A 52 7.53 -2.84 7.49
CA LYS A 52 7.74 -3.93 8.45
C LYS A 52 8.64 -3.57 9.65
N THR A 53 9.77 -2.96 9.35
CA THR A 53 10.76 -2.64 10.38
C THR A 53 10.25 -1.66 11.46
N ASP A 54 9.27 -0.83 11.12
CA ASP A 54 8.73 0.21 12.00
C ASP A 54 7.41 -0.15 12.71
N LEU A 55 7.01 -1.41 12.64
CA LEU A 55 5.68 -1.87 13.13
C LEU A 55 5.74 -3.19 13.88
N TYR A 56 4.85 -3.30 14.87
CA TYR A 56 4.57 -4.55 15.50
C TYR A 56 3.35 -5.17 14.85
N THR A 57 3.50 -6.44 14.53
CA THR A 57 2.42 -7.32 14.09
C THR A 57 1.46 -7.61 15.22
N LYS A 58 0.37 -8.34 14.94
CA LYS A 58 -0.56 -8.77 15.99
C LYS A 58 0.14 -9.54 17.11
N THR A 59 1.02 -10.48 16.76
CA THR A 59 1.67 -11.28 17.81
C THR A 59 2.63 -10.47 18.66
N GLU A 60 3.36 -9.58 18.03
CA GLU A 60 4.27 -8.73 18.75
C GLU A 60 3.52 -7.82 19.72
N MET A 61 2.32 -7.40 19.33
CA MET A 61 1.40 -6.67 20.22
C MET A 61 0.79 -7.53 21.31
N ASP A 62 0.39 -8.75 20.96
CA ASP A 62 -0.14 -9.67 21.93
C ASP A 62 0.91 -10.03 22.97
N THR A 63 2.15 -10.14 22.56
CA THR A 63 3.31 -10.29 23.45
C THR A 63 3.55 -9.12 24.39
N ALA A 64 3.64 -7.95 23.82
CA ALA A 64 3.81 -6.74 24.63
C ALA A 64 2.71 -6.57 25.64
N MET A 65 1.49 -6.89 25.26
CA MET A 65 0.34 -6.74 26.16
C MET A 65 0.40 -7.79 27.26
N LYS A 66 0.84 -9.00 26.93
CA LYS A 66 0.92 -10.10 27.88
C LYS A 66 1.99 -9.81 28.85
N GLN A 67 3.05 -9.15 28.41
CA GLN A 67 4.09 -8.71 29.32
C GLN A 67 3.48 -7.91 30.46
N ILE A 68 2.53 -7.05 30.16
CA ILE A 68 1.83 -6.34 31.20
C ILE A 68 0.95 -7.23 32.01
N GLU A 69 0.19 -8.11 31.37
CA GLU A 69 -0.67 -9.01 32.13
C GLU A 69 0.08 -9.97 33.02
N TRP A 70 1.27 -10.35 32.59
CA TRP A 70 2.09 -11.24 33.40
C TRP A 70 2.50 -10.64 34.68
N LYS A 71 2.93 -9.39 34.64
CA LYS A 71 3.22 -8.67 35.85
C LYS A 71 2.00 -8.41 36.71
N ILE A 72 0.87 -8.15 36.11
CA ILE A 72 -0.36 -8.10 36.90
C ILE A 72 -0.61 -9.43 37.65
N GLU A 73 -0.42 -10.55 36.99
CA GLU A 73 -0.58 -11.85 37.66
C GLU A 73 0.37 -12.09 38.80
N GLU A 74 1.63 -11.81 38.54
CA GLU A 74 2.67 -11.74 39.55
C GLU A 74 2.26 -10.97 40.80
N ILE A 75 1.72 -9.78 40.60
CA ILE A 75 1.29 -8.97 41.72
C ILE A 75 0.06 -9.55 42.40
N LEU A 76 -0.87 -10.06 41.61
CA LEU A 76 -2.08 -10.74 42.20
C LEU A 76 -1.73 -11.86 43.13
N SER A 77 -0.70 -12.66 42.77
CA SER A 77 -0.25 -13.78 43.63
C SER A 77 0.40 -13.39 44.94
N LYS A 78 0.91 -12.19 44.99
CA LYS A 78 1.51 -11.72 46.22
C LYS A 78 0.48 -11.17 47.10
N ILE A 79 -0.39 -10.35 46.52
CA ILE A 79 -1.43 -9.57 47.27
C ILE A 79 -2.23 -10.42 48.17
N TYR A 80 -2.71 -11.52 47.61
CA TYR A 80 -3.60 -12.40 48.32
C TYR A 80 -2.84 -13.27 49.31
N HIS A 81 -1.56 -13.55 49.08
CA HIS A 81 -0.72 -14.10 50.14
C HIS A 81 -0.50 -13.10 51.27
N ILE A 82 -0.27 -11.86 50.92
CA ILE A 82 0.00 -10.81 51.90
C ILE A 82 -1.22 -10.48 52.75
N GLU A 83 -2.38 -10.37 52.14
CA GLU A 83 -3.58 -10.17 52.94
C GLU A 83 -3.83 -11.37 53.88
N ASN A 84 -3.62 -12.59 53.37
CA ASN A 84 -3.78 -13.77 54.22
C ASN A 84 -2.70 -13.81 55.33
N GLU A 85 -1.51 -13.25 55.07
CA GLU A 85 -0.48 -13.14 56.13
C GLU A 85 -0.85 -12.16 57.23
N ILE A 86 -1.53 -11.07 56.91
CA ILE A 86 -2.04 -10.13 57.95
C ILE A 86 -2.91 -10.73 59.09
N GLY B 5 -6.74 5.05 -61.61
CA GLY B 5 -7.18 4.58 -60.26
C GLY B 5 -6.91 5.56 -59.14
N MET B 6 -7.15 6.83 -59.41
CA MET B 6 -7.02 7.87 -58.38
C MET B 6 -8.10 7.73 -57.33
N LYS B 7 -9.34 7.52 -57.75
CA LYS B 7 -10.45 7.24 -56.81
C LYS B 7 -10.19 6.06 -55.88
N GLN B 8 -9.45 5.09 -56.39
CA GLN B 8 -9.16 3.90 -55.64
C GLN B 8 -8.07 4.09 -54.60
N ILE B 9 -7.06 4.86 -54.95
CA ILE B 9 -6.06 5.26 -53.99
C ILE B 9 -6.73 6.06 -52.89
N GLU B 10 -7.53 7.05 -53.28
CA GLU B 10 -8.26 7.87 -52.35
C GLU B 10 -9.09 7.03 -51.38
N MET B 11 -9.65 5.91 -51.81
CA MET B 11 -10.42 4.98 -50.97
C MET B 11 -9.63 4.24 -49.89
N LYS B 12 -8.45 3.73 -50.27
CA LYS B 12 -7.50 3.20 -49.31
C LYS B 12 -6.99 4.30 -48.36
N ILE B 13 -6.73 5.50 -48.84
CA ILE B 13 -6.40 6.60 -47.91
C ILE B 13 -7.44 6.80 -46.79
N GLU B 14 -8.72 6.75 -47.15
CA GLU B 14 -9.78 6.92 -46.19
C GLU B 14 -9.87 5.83 -45.16
N GLU B 15 -9.63 4.62 -45.62
CA GLU B 15 -9.54 3.46 -44.74
C GLU B 15 -8.40 3.58 -43.71
N ILE B 16 -7.24 4.00 -44.20
CA ILE B 16 -6.10 4.24 -43.35
C ILE B 16 -6.46 5.29 -42.33
N LEU B 17 -6.98 6.43 -42.79
CA LEU B 17 -7.29 7.52 -41.85
C LEU B 17 -8.14 7.10 -40.69
N SER B 18 -9.18 6.31 -40.97
CA SER B 18 -10.02 5.82 -39.93
C SER B 18 -9.32 4.98 -38.89
N LYS B 19 -8.44 4.11 -39.37
CA LYS B 19 -7.58 3.36 -38.46
C LYS B 19 -6.68 4.28 -37.69
N ILE B 20 -6.11 5.26 -38.36
CA ILE B 20 -5.29 6.22 -37.67
C ILE B 20 -6.04 7.00 -36.61
N TYR B 21 -7.26 7.43 -36.92
CA TYR B 21 -7.96 8.20 -35.92
C TYR B 21 -8.15 7.35 -34.64
N HIS B 22 -8.45 6.12 -34.83
CA HIS B 22 -8.71 5.28 -33.73
C HIS B 22 -7.47 4.99 -32.92
N ILE B 23 -6.37 4.68 -33.60
CA ILE B 23 -5.07 4.49 -32.95
C ILE B 23 -4.68 5.71 -32.12
N GLU B 24 -4.86 6.90 -32.66
CA GLU B 24 -4.61 8.08 -31.86
C GLU B 24 -5.45 8.22 -30.60
N ASN B 25 -6.72 7.83 -30.67
CA ASN B 25 -7.57 7.82 -29.51
C ASN B 25 -7.11 6.80 -28.46
N GLU B 26 -6.78 5.61 -28.92
CA GLU B 26 -6.31 4.56 -28.05
C GLU B 26 -5.06 5.01 -27.36
N ILE B 27 -4.14 5.56 -28.12
CA ILE B 27 -2.90 6.04 -27.52
C ILE B 27 -3.17 7.04 -26.36
N ALA B 28 -4.03 8.01 -26.61
CA ALA B 28 -4.39 8.99 -25.56
C ALA B 28 -4.97 8.36 -24.31
N ARG B 29 -5.91 7.43 -24.50
CA ARG B 29 -6.46 6.62 -23.41
C ARG B 29 -5.42 5.80 -22.63
N ILE B 30 -4.58 5.09 -23.34
CA ILE B 30 -3.49 4.34 -22.73
C ILE B 30 -2.60 5.26 -21.89
N LYS B 31 -2.19 6.39 -22.45
CA LYS B 31 -1.37 7.33 -21.67
C LYS B 31 -2.02 7.84 -20.37
N LYS B 32 -3.35 8.08 -20.40
CA LYS B 32 -4.12 8.43 -19.24
C LYS B 32 -4.07 7.31 -18.21
N LEU B 33 -4.22 6.06 -18.68
CA LEU B 33 -4.30 4.88 -17.83
C LEU B 33 -2.95 4.61 -17.25
N ILE B 34 -1.91 4.72 -18.07
CA ILE B 34 -0.52 4.56 -17.63
C ILE B 34 -0.20 5.52 -16.47
N SER B 35 -0.75 6.73 -16.54
CA SER B 35 -0.47 7.73 -15.52
C SER B 35 -1.23 7.46 -14.22
N GLN B 36 -2.22 6.57 -14.23
CA GLN B 36 -2.88 6.10 -13.01
C GLN B 36 -2.25 4.86 -12.43
N LYS B 37 -1.26 4.27 -13.09
CA LYS B 37 -0.57 3.12 -12.53
C LYS B 37 0.54 3.53 -11.62
N ALA B 38 0.82 2.65 -10.67
CA ALA B 38 1.82 2.89 -9.70
C ALA B 38 3.21 2.47 -10.15
N ASN B 39 4.20 3.34 -9.98
CA ASN B 39 5.60 3.00 -10.27
C ASN B 39 6.10 2.09 -9.20
N SER B 40 6.77 1.00 -9.56
CA SER B 40 7.22 0.07 -8.54
C SER B 40 8.22 0.75 -7.58
N GLN B 41 8.92 1.77 -8.07
CA GLN B 41 9.78 2.64 -7.25
C GLN B 41 9.05 3.37 -6.10
N ASP B 42 7.78 3.71 -6.30
CA ASP B 42 7.01 4.44 -5.30
C ASP B 42 6.15 3.55 -4.39
N VAL B 43 6.39 2.25 -4.36
CA VAL B 43 5.58 1.37 -3.55
C VAL B 43 6.43 0.32 -2.93
N TYR B 44 5.95 -0.20 -1.80
CA TYR B 44 6.56 -1.33 -1.16
C TYR B 44 5.93 -2.57 -1.75
N ASN B 45 6.74 -3.61 -1.86
CA ASN B 45 6.23 -4.91 -2.24
C ASN B 45 5.48 -5.56 -1.09
N LYS B 46 4.84 -6.68 -1.38
CA LYS B 46 4.24 -7.52 -0.38
C LYS B 46 5.24 -8.01 0.70
N THR B 47 6.51 -8.13 0.32
CA THR B 47 7.55 -8.55 1.26
C THR B 47 8.04 -7.41 2.15
N ASP B 48 7.72 -6.16 1.81
CA ASP B 48 8.15 -5.00 2.61
C ASP B 48 7.05 -4.51 3.56
N LEU B 49 6.00 -5.32 3.67
CA LEU B 49 4.79 -4.90 4.37
C LEU B 49 4.11 -6.05 5.05
N TYR B 50 3.32 -5.70 6.07
CA TYR B 50 2.35 -6.58 6.67
C TYR B 50 0.93 -6.23 6.20
N PRO B 51 0.10 -7.27 6.01
CA PRO B 51 -1.30 -7.09 5.68
C PRO B 51 -2.18 -6.74 6.87
N LYS B 52 -3.32 -6.13 6.58
CA LYS B 52 -4.41 -5.96 7.55
C LYS B 52 -4.51 -7.09 8.58
N THR B 53 -4.49 -8.31 8.08
CA THR B 53 -4.72 -9.49 8.93
C THR B 53 -3.64 -9.68 10.01
N ASP B 54 -2.44 -9.13 9.79
CA ASP B 54 -1.29 -9.26 10.71
C ASP B 54 -1.00 -8.02 11.58
N LEU B 55 -1.93 -7.08 11.65
CA LEU B 55 -1.77 -5.82 12.38
C LEU B 55 -3.02 -5.38 13.20
N TYR B 56 -2.79 -4.72 14.34
CA TYR B 56 -3.85 -4.03 15.09
C TYR B 56 -3.83 -2.57 14.76
N THR B 57 -5.02 -1.97 14.67
CA THR B 57 -5.07 -0.55 14.45
C THR B 57 -4.83 0.23 15.72
N LYS B 58 -4.72 1.55 15.61
CA LYS B 58 -4.61 2.48 16.77
C LYS B 58 -5.77 2.30 17.77
N THR B 59 -7.01 2.27 17.28
CA THR B 59 -8.15 2.21 18.19
C THR B 59 -8.21 0.85 18.87
N GLU B 60 -7.93 -0.22 18.15
CA GLU B 60 -7.91 -1.54 18.77
C GLU B 60 -6.85 -1.63 19.86
N MET B 61 -5.73 -0.93 19.65
CA MET B 61 -4.69 -0.79 20.69
C MET B 61 -5.08 0.12 21.86
N ASP B 62 -5.69 1.24 21.54
CA ASP B 62 -6.16 2.16 22.57
C ASP B 62 -7.22 1.53 23.43
N THR B 63 -8.04 0.69 22.81
CA THR B 63 -9.01 -0.15 23.50
C THR B 63 -8.36 -1.18 24.44
N ALA B 64 -7.44 -1.96 23.90
CA ALA B 64 -6.77 -2.97 24.68
C ALA B 64 -6.07 -2.37 25.85
N MET B 65 -5.43 -1.23 25.63
CA MET B 65 -4.67 -0.58 26.70
C MET B 65 -5.52 -0.03 27.82
N LYS B 66 -6.65 0.55 27.50
CA LYS B 66 -7.46 1.12 28.58
C LYS B 66 -8.09 0.02 29.38
N GLN B 67 -8.34 -1.13 28.76
CA GLN B 67 -8.69 -2.34 29.52
C GLN B 67 -7.60 -2.76 30.50
N ILE B 68 -6.35 -2.59 30.09
CA ILE B 68 -5.22 -2.88 30.95
C ILE B 68 -5.13 -1.88 32.07
N GLU B 69 -5.34 -0.62 31.78
CA GLU B 69 -5.31 0.41 32.85
C GLU B 69 -6.44 0.24 33.89
N TRP B 70 -7.57 -0.32 33.48
CA TRP B 70 -8.66 -0.69 34.42
C TRP B 70 -8.24 -1.75 35.46
N LYS B 71 -7.60 -2.82 35.02
CA LYS B 71 -7.06 -3.79 35.99
C LYS B 71 -5.98 -3.19 36.85
N ILE B 72 -5.14 -2.36 36.30
CA ILE B 72 -4.11 -1.74 37.11
C ILE B 72 -4.71 -0.91 38.24
N GLU B 73 -5.77 -0.16 37.91
CA GLU B 73 -6.51 0.62 38.90
C GLU B 73 -7.08 -0.24 40.04
N GLU B 74 -7.78 -1.27 39.63
CA GLU B 74 -8.20 -2.29 40.57
C GLU B 74 -7.12 -2.79 41.58
N ILE B 75 -5.94 -3.09 41.05
CA ILE B 75 -4.83 -3.58 41.86
C ILE B 75 -4.20 -2.51 42.75
N LEU B 76 -4.11 -1.33 42.21
CA LEU B 76 -3.73 -0.17 43.04
C LEU B 76 -4.57 0.00 44.28
N SER B 77 -5.89 -0.16 44.16
CA SER B 77 -6.79 -0.06 45.29
C SER B 77 -6.68 -1.19 46.34
N LYS B 78 -6.18 -2.34 45.96
CA LYS B 78 -5.91 -3.40 46.95
C LYS B 78 -4.66 -3.08 47.69
N ILE B 79 -3.67 -2.64 46.94
CA ILE B 79 -2.41 -2.19 47.55
C ILE B 79 -2.56 -1.04 48.54
N TYR B 80 -3.23 0.03 48.13
CA TYR B 80 -3.49 1.12 49.01
C TYR B 80 -4.00 0.57 50.32
N HIS B 81 -4.98 -0.33 50.27
CA HIS B 81 -5.68 -0.79 51.46
C HIS B 81 -4.82 -1.67 52.35
N ILE B 82 -4.00 -2.49 51.70
CA ILE B 82 -3.00 -3.28 52.40
C ILE B 82 -1.97 -2.39 53.06
N GLU B 83 -1.54 -1.35 52.40
CA GLU B 83 -0.64 -0.40 53.15
C GLU B 83 -1.29 0.17 54.38
N ASN B 84 -2.52 0.64 54.24
CA ASN B 84 -3.20 1.25 55.36
C ASN B 84 -3.48 0.19 56.45
N GLU B 85 -3.75 -1.07 56.09
CA GLU B 85 -4.04 -2.12 57.09
C GLU B 85 -2.87 -2.30 58.01
N ILE B 86 -1.76 -2.79 57.45
CA ILE B 86 -0.44 -2.87 58.11
C ILE B 86 -0.20 -1.68 59.03
N ALA B 87 -0.45 -0.49 58.47
CA ALA B 87 -0.18 0.78 59.15
C ALA B 87 -0.58 0.80 60.62
N ARG B 88 -1.67 0.07 60.95
CA ARG B 88 -2.27 0.08 62.29
C ARG B 88 -2.31 -1.31 62.90
N MET C 6 -2.73 14.81 -58.04
CA MET C 6 -1.61 13.91 -57.64
C MET C 6 -0.69 14.46 -56.55
N LYS C 7 -0.25 15.72 -56.69
CA LYS C 7 0.54 16.40 -55.64
C LYS C 7 -0.18 16.43 -54.28
N GLN C 8 -1.51 16.43 -54.28
CA GLN C 8 -2.28 16.44 -53.06
C GLN C 8 -2.32 15.12 -52.36
N ILE C 9 -2.48 14.07 -53.15
CA ILE C 9 -2.42 12.74 -52.62
C ILE C 9 -1.04 12.49 -52.05
N GLU C 10 0.01 12.81 -52.80
CA GLU C 10 1.40 12.62 -52.26
C GLU C 10 1.63 13.40 -50.95
N MET C 11 1.03 14.58 -50.82
CA MET C 11 1.11 15.43 -49.65
C MET C 11 0.37 14.84 -48.44
N LYS C 12 -0.81 14.25 -48.69
CA LYS C 12 -1.50 13.53 -47.65
C LYS C 12 -0.76 12.29 -47.23
N ILE C 13 -0.23 11.55 -48.16
CA ILE C 13 0.57 10.38 -47.76
C ILE C 13 1.62 10.76 -46.73
N GLU C 14 2.30 11.89 -46.98
CA GLU C 14 3.35 12.37 -46.11
C GLU C 14 2.89 12.82 -44.75
N GLU C 15 1.73 13.47 -44.72
CA GLU C 15 1.00 13.72 -43.49
C GLU C 15 0.66 12.43 -42.70
N ILE C 16 0.15 11.43 -43.37
CA ILE C 16 -0.07 10.13 -42.70
C ILE C 16 1.21 9.56 -42.14
N LEU C 17 2.26 9.54 -42.96
CA LEU C 17 3.56 9.05 -42.47
C LEU C 17 4.07 9.76 -41.26
N SER C 18 3.86 11.06 -41.20
CA SER C 18 4.19 11.85 -40.01
C SER C 18 3.48 11.47 -38.74
N LYS C 19 2.17 11.23 -38.89
CA LYS C 19 1.34 10.69 -37.81
C LYS C 19 1.81 9.33 -37.38
N ILE C 20 2.07 8.49 -38.34
CA ILE C 20 2.62 7.19 -38.05
C ILE C 20 3.94 7.29 -37.32
N TYR C 21 4.82 8.18 -37.77
CA TYR C 21 6.07 8.35 -37.01
C TYR C 21 5.88 8.68 -35.54
N HIS C 22 5.00 9.62 -35.29
CA HIS C 22 4.75 9.98 -33.96
C HIS C 22 4.08 8.92 -33.11
N ILE C 23 3.05 8.22 -33.66
CA ILE C 23 2.46 7.09 -32.98
C ILE C 23 3.52 6.06 -32.62
N GLU C 24 4.43 5.77 -33.52
CA GLU C 24 5.45 4.79 -33.20
C GLU C 24 6.33 5.20 -32.04
N ASN C 25 6.64 6.49 -31.96
CA ASN C 25 7.43 7.02 -30.87
C ASN C 25 6.68 6.87 -29.53
N GLU C 26 5.38 7.21 -29.54
CA GLU C 26 4.51 7.05 -28.37
C GLU C 26 4.44 5.62 -27.94
N ILE C 27 4.21 4.73 -28.88
CA ILE C 27 4.20 3.32 -28.52
C ILE C 27 5.48 2.85 -27.76
N ALA C 28 6.64 3.17 -28.31
CA ALA C 28 7.89 2.83 -27.64
C ALA C 28 7.99 3.41 -26.22
N ARG C 29 7.63 4.68 -26.06
CA ARG C 29 7.58 5.33 -24.77
C ARG C 29 6.66 4.65 -23.78
N ILE C 30 5.44 4.37 -24.23
CA ILE C 30 4.47 3.67 -23.43
C ILE C 30 5.04 2.35 -22.93
N LYS C 31 5.64 1.59 -23.82
CA LYS C 31 6.26 0.33 -23.38
C LYS C 31 7.32 0.49 -22.30
N LYS C 32 8.11 1.56 -22.39
CA LYS C 32 9.10 1.96 -21.38
C LYS C 32 8.49 2.28 -20.01
N LEU C 33 7.40 3.02 -20.03
CA LEU C 33 6.69 3.39 -18.81
C LEU C 33 6.00 2.21 -18.22
N ILE C 34 5.36 1.42 -19.06
CA ILE C 34 4.71 0.19 -18.62
C ILE C 34 5.68 -0.67 -17.81
N SER C 35 6.92 -0.70 -18.24
CA SER C 35 7.90 -1.58 -17.61
C SER C 35 8.36 -1.04 -16.27
N GLN C 36 8.08 0.24 -15.99
CA GLN C 36 8.35 0.79 -14.66
C GLN C 36 7.18 0.69 -13.70
N LYS C 37 6.03 0.19 -14.14
CA LYS C 37 4.88 0.06 -13.25
C LYS C 37 4.91 -1.23 -12.42
N ALA C 38 4.25 -1.16 -11.27
CA ALA C 38 4.13 -2.21 -10.29
C ALA C 38 3.04 -3.20 -10.68
N ASN C 39 3.38 -4.46 -10.67
CA ASN C 39 2.42 -5.50 -10.95
C ASN C 39 1.50 -5.63 -9.80
N SER C 40 0.20 -5.72 -10.04
CA SER C 40 -0.75 -5.82 -8.92
C SER C 40 -0.47 -7.09 -8.06
N GLN C 41 0.09 -8.13 -8.69
CA GLN C 41 0.55 -9.34 -8.02
C GLN C 41 1.60 -9.09 -6.96
N ASP C 42 2.45 -8.07 -7.16
CA ASP C 42 3.56 -7.78 -6.25
C ASP C 42 3.25 -6.70 -5.22
N VAL C 43 1.98 -6.36 -5.03
CA VAL C 43 1.62 -5.33 -4.08
C VAL C 43 0.33 -5.67 -3.38
N TYR C 44 0.12 -5.12 -2.18
CA TYR C 44 -1.20 -5.18 -1.54
C TYR C 44 -1.96 -3.94 -1.97
N ASN C 45 -3.27 -4.10 -2.12
CA ASN C 45 -4.14 -2.97 -2.34
C ASN C 45 -4.37 -2.20 -1.06
N LYS C 46 -5.02 -1.04 -1.17
CA LYS C 46 -5.46 -0.26 -0.01
C LYS C 46 -6.42 -1.04 0.92
N THR C 47 -7.14 -2.00 0.36
CA THR C 47 -8.02 -2.83 1.15
C THR C 47 -7.29 -3.96 1.88
N ASP C 48 -6.04 -4.25 1.54
CA ASP C 48 -5.26 -5.30 2.20
C ASP C 48 -4.32 -4.73 3.26
N LEU C 49 -4.50 -3.44 3.56
CA LEU C 49 -3.57 -2.68 4.37
C LEU C 49 -4.26 -1.59 5.17
N TYR C 50 -3.59 -1.20 6.26
CA TYR C 50 -3.91 0.04 6.96
C TYR C 50 -2.88 1.12 6.67
N PRO C 51 -3.34 2.37 6.56
CA PRO C 51 -2.47 3.52 6.35
C PRO C 51 -1.76 3.98 7.62
N LYS C 52 -0.64 4.66 7.44
CA LYS C 52 0.06 5.37 8.53
C LYS C 52 -0.89 5.96 9.56
N THR C 53 -1.94 6.62 9.09
CA THR C 53 -2.88 7.32 9.97
C THR C 53 -3.64 6.39 10.93
N ASP C 54 -3.79 5.11 10.57
CA ASP C 54 -4.53 4.11 11.37
C ASP C 54 -3.65 3.15 12.20
N LEU C 55 -2.35 3.46 12.33
CA LEU C 55 -1.40 2.60 13.02
C LEU C 55 -0.42 3.35 13.94
N TYR C 56 -0.07 2.71 15.05
CA TYR C 56 1.03 3.18 15.88
C TYR C 56 2.27 2.40 15.48
N THR C 57 3.35 3.16 15.32
CA THR C 57 4.69 2.65 15.13
C THR C 57 5.18 2.01 16.42
N LYS C 58 6.35 1.39 16.36
CA LYS C 58 6.99 0.81 17.56
C LYS C 58 7.19 1.84 18.69
N THR C 59 7.69 3.02 18.38
CA THR C 59 7.96 3.99 19.43
C THR C 59 6.66 4.53 19.99
N GLU C 60 5.66 4.76 19.15
CA GLU C 60 4.36 5.20 19.65
C GLU C 60 3.74 4.19 20.63
N MET C 61 3.98 2.91 20.35
CA MET C 61 3.58 1.83 21.25
C MET C 61 4.41 1.74 22.49
N ASP C 62 5.72 1.88 22.34
CA ASP C 62 6.61 1.87 23.49
C ASP C 62 6.34 3.03 24.44
N THR C 63 5.98 4.17 23.85
CA THR C 63 5.51 5.34 24.59
C THR C 63 4.20 5.10 25.35
N ALA C 64 3.16 4.63 24.65
CA ALA C 64 1.88 4.34 25.29
C ALA C 64 2.00 3.32 26.42
N MET C 65 2.86 2.31 26.21
CA MET C 65 3.07 1.29 27.22
C MET C 65 3.75 1.79 28.49
N LYS C 66 4.70 2.73 28.36
CA LYS C 66 5.43 3.24 29.54
C LYS C 66 4.60 3.86 30.65
N GLN C 67 3.47 4.52 30.32
CA GLN C 67 2.49 4.92 31.36
C GLN C 67 1.89 3.75 32.18
N ILE C 68 1.63 2.64 31.48
CA ILE C 68 1.16 1.43 32.14
C ILE C 68 2.26 0.78 32.96
N GLU C 69 3.48 0.73 32.44
CA GLU C 69 4.57 0.14 33.21
C GLU C 69 4.87 0.91 34.52
N TRP C 70 4.57 2.21 34.51
CA TRP C 70 4.69 3.08 35.66
C TRP C 70 3.89 2.62 36.81
N LYS C 71 2.61 2.45 36.55
CA LYS C 71 1.72 1.96 37.57
C LYS C 71 2.11 0.55 38.05
N ILE C 72 2.60 -0.29 37.13
CA ILE C 72 3.01 -1.60 37.56
C ILE C 72 4.18 -1.52 38.54
N GLU C 73 5.15 -0.65 38.24
CA GLU C 73 6.32 -0.39 39.11
C GLU C 73 5.98 0.20 40.45
N GLU C 74 5.08 1.17 40.46
CA GLU C 74 4.42 1.63 41.66
C GLU C 74 3.97 0.50 42.61
N ILE C 75 3.25 -0.49 42.07
CA ILE C 75 2.69 -1.55 42.90
C ILE C 75 3.69 -2.58 43.31
N LEU C 76 4.47 -3.03 42.36
CA LEU C 76 5.52 -4.00 42.69
C LEU C 76 6.49 -3.55 43.77
N SER C 77 6.90 -2.29 43.69
CA SER C 77 7.77 -1.71 44.70
C SER C 77 7.18 -1.63 46.12
N LYS C 78 5.85 -1.52 46.21
CA LYS C 78 5.22 -1.51 47.50
C LYS C 78 5.16 -2.88 48.08
N ILE C 79 4.74 -3.83 47.24
CA ILE C 79 4.57 -5.21 47.67
C ILE C 79 5.79 -5.75 48.38
N TYR C 80 6.94 -5.53 47.79
CA TYR C 80 8.19 -6.06 48.36
C TYR C 80 8.70 -5.44 49.64
N HIS C 81 8.45 -4.14 49.87
CA HIS C 81 8.75 -3.71 51.20
C HIS C 81 7.67 -4.09 52.21
N ILE C 82 6.42 -4.22 51.75
CA ILE C 82 5.35 -4.73 52.62
C ILE C 82 5.55 -6.22 53.03
N GLU C 83 5.95 -7.08 52.10
CA GLU C 83 6.33 -8.41 52.54
C GLU C 83 7.42 -8.39 53.60
N ASN C 84 8.45 -7.54 53.47
CA ASN C 84 9.40 -7.46 54.59
C ASN C 84 8.79 -7.03 55.87
N GLU C 85 7.89 -6.03 55.74
CA GLU C 85 7.24 -5.45 56.91
C GLU C 85 6.55 -6.52 57.72
N ILE C 86 6.03 -7.55 57.04
CA ILE C 86 5.55 -8.79 57.67
C ILE C 86 6.68 -9.68 58.26
#